data_1Q3B
#
_entry.id   1Q3B
#
_cell.length_a   57.722
_cell.length_b   80.051
_cell.length_c   169.311
_cell.angle_alpha   90.00
_cell.angle_beta   90.00
_cell.angle_gamma   90.00
#
_symmetry.space_group_name_H-M   'I 2 2 2'
#
loop_
_entity.id
_entity.type
_entity.pdbx_description
1 polymer 'Endonuclease VIII'
2 non-polymer 'ZINC ION'
3 non-polymer 'MAGNESIUM ION'
4 non-polymer GLYCEROL
5 water water
#
_entity_poly.entity_id   1
_entity_poly.type   'polypeptide(L)'
_entity_poly.pdbx_seq_one_letter_code
;PEGPEIRRAADNLEAAIKGKPLTDVWFAFPQLKTYQSQLIGQHVTHVETRGKALLTHFSNDLTLYSHNQLYGVWRVVDTG
EEPQTTRVLRVKLQTADKTILLYSASDIEMLRPEQLTTHPFLQRVGPDVLDPNLTPEVVKERLLSPRFRNRQFAGLLLDQ
AFLAGLGNYLRVEILWQVGLTGNHKAKDLNAAQLDALAHALLEIPRFSYATRGQVDENKHHGALFRFKVFHRDGEPCERC
GSIIEKTTLSSAPFYWCPGCQH
;
_entity_poly.pdbx_strand_id   A
#
loop_
_chem_comp.id
_chem_comp.type
_chem_comp.name
_chem_comp.formula
GOL non-polymer GLYCEROL 'C3 H8 O3'
MG non-polymer 'MAGNESIUM ION' 'Mg 2'
ZN non-polymer 'ZINC ION' 'Zn 2'
#
# COMPACT_ATOMS: atom_id res chain seq x y z
N PRO A 1 -0.36 -9.74 4.01
CA PRO A 1 -1.68 -9.22 4.45
C PRO A 1 -2.81 -10.03 3.83
N GLU A 2 -2.70 -10.29 2.54
CA GLU A 2 -3.69 -11.05 1.80
C GLU A 2 -3.09 -11.49 0.48
N GLY A 3 -1.80 -11.17 0.31
CA GLY A 3 -1.09 -11.53 -0.90
C GLY A 3 -1.59 -10.77 -2.11
N PRO A 4 -1.24 -11.25 -3.32
CA PRO A 4 -1.66 -10.61 -4.57
C PRO A 4 -3.16 -10.41 -4.63
N GLU A 5 -3.91 -11.37 -4.08
CA GLU A 5 -5.37 -11.33 -4.05
C GLU A 5 -5.95 -9.92 -4.01
N ILE A 6 -5.56 -9.15 -3.00
CA ILE A 6 -6.04 -7.77 -2.85
C ILE A 6 -5.53 -6.87 -3.96
N ARG A 7 -4.22 -6.97 -4.24
CA ARG A 7 -3.62 -6.15 -5.29
C ARG A 7 -4.05 -6.63 -6.67
N ARG A 8 -4.52 -7.87 -6.75
CA ARG A 8 -4.96 -8.46 -8.00
C ARG A 8 -6.22 -7.76 -8.50
N ALA A 9 -7.19 -7.58 -7.60
CA ALA A 9 -8.44 -6.92 -7.97
C ALA A 9 -8.19 -5.48 -8.45
N ALA A 10 -7.31 -4.77 -7.75
CA ALA A 10 -6.97 -3.40 -8.12
C ALA A 10 -6.37 -3.32 -9.52
N ASP A 11 -5.53 -4.30 -9.83
N ASP A 11 -5.52 -4.30 -9.82
CA ASP A 11 -4.87 -4.32 -11.13
CA ASP A 11 -4.86 -4.33 -11.13
C ASP A 11 -5.87 -4.61 -12.24
C ASP A 11 -5.85 -4.64 -12.26
N ASN A 12 -6.83 -5.48 -11.97
CA ASN A 12 -7.84 -5.83 -12.95
C ASN A 12 -8.63 -4.58 -13.33
N LEU A 13 -8.98 -3.79 -12.32
CA LEU A 13 -9.73 -2.56 -12.53
C LEU A 13 -8.90 -1.53 -13.30
N GLU A 14 -7.64 -1.35 -12.91
CA GLU A 14 -6.79 -0.40 -13.61
C GLU A 14 -6.64 -0.80 -15.08
N ALA A 15 -6.30 -2.06 -15.32
CA ALA A 15 -6.12 -2.55 -16.68
C ALA A 15 -7.34 -2.22 -17.53
N ALA A 16 -8.52 -2.41 -16.94
CA ALA A 16 -9.76 -2.16 -17.66
C ALA A 16 -10.05 -0.70 -17.97
N ILE A 17 -9.90 0.21 -17.01
CA ILE A 17 -10.23 1.59 -17.30
C ILE A 17 -9.29 2.71 -16.87
N LYS A 18 -8.10 2.38 -16.39
CA LYS A 18 -7.18 3.43 -15.97
C LYS A 18 -6.77 4.37 -17.11
N GLY A 19 -6.88 5.67 -16.85
CA GLY A 19 -6.51 6.66 -17.85
C GLY A 19 -7.52 6.89 -18.95
N LYS A 20 -8.58 6.07 -18.99
CA LYS A 20 -9.61 6.20 -20.01
C LYS A 20 -10.75 7.13 -19.57
N PRO A 21 -11.13 8.07 -20.45
CA PRO A 21 -12.22 9.00 -20.15
C PRO A 21 -13.52 8.28 -19.84
N LEU A 22 -14.15 8.63 -18.72
CA LEU A 22 -15.42 8.01 -18.36
C LEU A 22 -16.53 8.57 -19.24
N THR A 23 -17.29 7.67 -19.87
CA THR A 23 -18.37 8.07 -20.75
C THR A 23 -19.72 7.93 -20.05
N ASP A 24 -19.72 7.23 -18.93
CA ASP A 24 -20.93 7.07 -18.14
C ASP A 24 -20.53 6.63 -16.74
N VAL A 25 -21.20 7.20 -15.75
CA VAL A 25 -20.93 6.91 -14.34
C VAL A 25 -22.28 6.81 -13.63
N TRP A 26 -22.51 5.69 -12.95
CA TRP A 26 -23.77 5.47 -12.26
C TRP A 26 -23.54 4.87 -10.88
N PHE A 27 -24.24 5.40 -9.88
CA PHE A 27 -24.16 4.90 -8.50
C PHE A 27 -25.58 4.61 -8.04
N ALA A 28 -25.79 3.47 -7.38
CA ALA A 28 -27.10 3.11 -6.90
C ALA A 28 -27.54 3.97 -5.71
N PHE A 29 -26.61 4.34 -4.83
CA PHE A 29 -26.94 5.14 -3.66
C PHE A 29 -27.33 6.58 -3.96
N PRO A 30 -28.43 7.06 -3.36
CA PRO A 30 -28.91 8.43 -3.58
C PRO A 30 -27.88 9.50 -3.24
N GLN A 31 -27.14 9.32 -2.14
CA GLN A 31 -26.15 10.30 -1.74
C GLN A 31 -24.92 10.34 -2.67
N LEU A 32 -24.87 9.45 -3.65
CA LEU A 32 -23.72 9.42 -4.56
C LEU A 32 -24.06 9.94 -5.97
N LYS A 33 -25.35 10.10 -6.24
CA LYS A 33 -25.83 10.59 -7.54
C LYS A 33 -25.21 11.92 -7.95
N THR A 34 -24.95 12.76 -6.97
CA THR A 34 -24.39 14.08 -7.21
C THR A 34 -23.01 14.10 -7.85
N TYR A 35 -22.29 12.98 -7.76
CA TYR A 35 -20.95 12.91 -8.35
C TYR A 35 -20.94 12.38 -9.78
N GLN A 36 -22.08 11.88 -10.26
CA GLN A 36 -22.15 11.30 -11.60
C GLN A 36 -21.73 12.20 -12.78
N SER A 37 -22.47 13.24 -13.06
N SER A 37 -22.48 13.24 -13.05
CA SER A 37 -22.14 14.12 -14.17
CA SER A 37 -22.15 14.13 -14.17
C SER A 37 -20.77 14.76 -13.99
C SER A 37 -20.77 14.75 -13.99
N GLN A 38 -20.42 15.03 -12.73
CA GLN A 38 -19.14 15.62 -12.39
C GLN A 38 -17.94 14.80 -12.87
N LEU A 39 -18.12 13.49 -12.94
CA LEU A 39 -17.05 12.58 -13.33
C LEU A 39 -16.96 12.28 -14.83
N ILE A 40 -17.97 12.67 -15.59
CA ILE A 40 -17.97 12.42 -17.02
C ILE A 40 -16.83 13.18 -17.68
N GLY A 41 -15.98 12.45 -18.40
CA GLY A 41 -14.84 13.09 -19.04
C GLY A 41 -13.61 12.96 -18.18
N GLN A 42 -13.79 12.56 -16.94
CA GLN A 42 -12.64 12.36 -16.04
C GLN A 42 -12.18 10.91 -16.22
N HIS A 43 -11.14 10.52 -15.52
CA HIS A 43 -10.68 9.15 -15.62
C HIS A 43 -10.10 8.66 -14.30
N VAL A 44 -10.01 7.36 -14.15
CA VAL A 44 -9.43 6.78 -12.95
C VAL A 44 -7.92 6.92 -13.14
N THR A 45 -7.25 7.53 -12.17
CA THR A 45 -5.81 7.71 -12.24
C THR A 45 -5.13 6.43 -11.78
N HIS A 46 -5.70 5.83 -10.74
CA HIS A 46 -5.18 4.57 -10.21
C HIS A 46 -6.08 4.03 -9.12
N VAL A 47 -5.89 2.75 -8.78
CA VAL A 47 -6.68 2.10 -7.74
C VAL A 47 -5.71 1.66 -6.65
N GLU A 48 -5.88 2.25 -5.48
CA GLU A 48 -5.02 1.99 -4.32
C GLU A 48 -5.62 0.90 -3.43
N THR A 49 -4.78 0.04 -2.90
N THR A 49 -4.77 0.04 -2.92
CA THR A 49 -5.26 -1.02 -2.02
CA THR A 49 -5.20 -1.04 -2.06
C THR A 49 -5.04 -0.63 -0.57
C THR A 49 -5.04 -0.65 -0.59
N ARG A 50 -6.05 -0.87 0.27
N ARG A 50 -6.07 -0.90 0.21
CA ARG A 50 -5.98 -0.55 1.68
CA ARG A 50 -6.05 -0.59 1.62
C ARG A 50 -6.66 -1.68 2.44
C ARG A 50 -6.69 -1.74 2.37
N GLY A 51 -5.89 -2.67 2.85
CA GLY A 51 -6.44 -3.82 3.54
C GLY A 51 -7.26 -4.52 2.47
N LYS A 52 -8.47 -4.95 2.81
CA LYS A 52 -9.32 -5.59 1.81
C LYS A 52 -10.23 -4.57 1.12
N ALA A 53 -9.87 -3.30 1.22
CA ALA A 53 -10.64 -2.23 0.60
C ALA A 53 -9.94 -1.70 -0.63
N LEU A 54 -10.71 -1.04 -1.49
CA LEU A 54 -10.17 -0.45 -2.72
C LEU A 54 -10.46 1.04 -2.72
N LEU A 55 -9.48 1.84 -3.14
CA LEU A 55 -9.63 3.28 -3.26
C LEU A 55 -9.47 3.62 -4.72
N THR A 56 -10.59 3.91 -5.39
CA THR A 56 -10.56 4.24 -6.81
C THR A 56 -10.42 5.74 -6.97
N HIS A 57 -9.22 6.15 -7.35
CA HIS A 57 -8.89 7.55 -7.55
C HIS A 57 -9.26 8.09 -8.92
N PHE A 58 -9.90 9.25 -8.91
CA PHE A 58 -10.32 9.92 -10.14
C PHE A 58 -9.46 11.16 -10.36
N SER A 59 -9.32 11.57 -11.62
CA SER A 59 -8.50 12.73 -11.97
C SER A 59 -8.98 14.08 -11.43
N ASN A 60 -10.17 14.12 -10.83
CA ASN A 60 -10.68 15.38 -10.28
C ASN A 60 -10.48 15.41 -8.77
N ASP A 61 -9.63 14.51 -8.26
CA ASP A 61 -9.32 14.42 -6.83
C ASP A 61 -10.31 13.67 -5.94
N LEU A 62 -11.43 13.23 -6.49
CA LEU A 62 -12.38 12.47 -5.70
C LEU A 62 -11.85 11.04 -5.63
N THR A 63 -12.24 10.33 -4.58
CA THR A 63 -11.81 8.95 -4.42
C THR A 63 -13.00 8.09 -3.99
N LEU A 64 -13.28 7.05 -4.76
CA LEU A 64 -14.37 6.14 -4.41
C LEU A 64 -13.81 5.07 -3.50
N TYR A 65 -14.36 4.98 -2.30
CA TYR A 65 -13.94 3.97 -1.34
C TYR A 65 -14.92 2.82 -1.42
N SER A 66 -14.42 1.59 -1.47
N SER A 66 -14.43 1.59 -1.49
CA SER A 66 -15.26 0.41 -1.51
CA SER A 66 -15.31 0.42 -1.54
C SER A 66 -14.63 -0.74 -0.75
C SER A 66 -14.68 -0.77 -0.81
N HIS A 67 -15.45 -1.41 0.04
CA HIS A 67 -14.98 -2.57 0.80
C HIS A 67 -16.00 -3.65 0.53
N ASN A 68 -15.59 -4.67 -0.23
CA ASN A 68 -16.48 -5.77 -0.61
C ASN A 68 -17.07 -6.51 0.57
N GLN A 69 -16.35 -6.51 1.69
CA GLN A 69 -16.79 -7.22 2.88
C GLN A 69 -17.09 -8.67 2.49
N LEU A 70 -18.27 -9.15 2.80
CA LEU A 70 -18.61 -10.53 2.49
C LEU A 70 -19.05 -10.85 1.06
N TYR A 71 -19.86 -9.99 0.45
CA TYR A 71 -20.38 -10.29 -0.88
C TYR A 71 -19.99 -9.44 -2.09
N GLY A 72 -19.34 -8.30 -1.86
CA GLY A 72 -18.97 -7.45 -2.98
C GLY A 72 -18.03 -8.07 -4.01
N VAL A 73 -18.26 -7.75 -5.28
CA VAL A 73 -17.41 -8.24 -6.34
C VAL A 73 -17.42 -7.30 -7.55
N TRP A 74 -16.24 -7.02 -8.07
CA TRP A 74 -16.10 -6.17 -9.25
C TRP A 74 -15.99 -7.05 -10.50
N ARG A 75 -16.64 -6.62 -11.57
N ARG A 75 -16.67 -6.67 -11.57
CA ARG A 75 -16.61 -7.34 -12.82
CA ARG A 75 -16.58 -7.45 -12.81
C ARG A 75 -16.27 -6.42 -13.97
C ARG A 75 -16.35 -6.53 -14.00
N VAL A 76 -15.43 -6.90 -14.85
CA VAL A 76 -15.06 -6.14 -16.01
C VAL A 76 -15.77 -6.70 -17.22
N VAL A 77 -16.49 -5.86 -17.95
CA VAL A 77 -17.19 -6.31 -19.15
C VAL A 77 -16.92 -5.34 -20.29
N ASP A 78 -17.42 -5.68 -21.47
CA ASP A 78 -17.23 -4.79 -22.60
C ASP A 78 -18.37 -3.80 -22.48
N THR A 79 -18.09 -2.54 -22.82
CA THR A 79 -19.12 -1.52 -22.73
C THR A 79 -20.33 -1.95 -23.54
N GLY A 80 -21.50 -1.86 -22.91
CA GLY A 80 -22.73 -2.24 -23.58
C GLY A 80 -23.25 -3.57 -23.08
N GLU A 81 -22.33 -4.46 -22.71
CA GLU A 81 -22.70 -5.77 -22.22
C GLU A 81 -23.56 -5.70 -20.96
N GLU A 82 -24.47 -6.66 -20.82
CA GLU A 82 -25.36 -6.73 -19.66
C GLU A 82 -25.34 -8.11 -19.03
N PRO A 83 -24.46 -8.34 -18.04
CA PRO A 83 -24.37 -9.64 -17.37
C PRO A 83 -25.75 -10.14 -16.89
N GLN A 84 -25.89 -11.46 -16.77
CA GLN A 84 -27.15 -12.04 -16.32
C GLN A 84 -27.06 -12.53 -14.89
N THR A 85 -26.20 -11.90 -14.10
CA THR A 85 -26.05 -12.26 -12.71
C THR A 85 -27.22 -11.58 -11.99
N THR A 86 -27.72 -12.22 -10.94
CA THR A 86 -28.85 -11.67 -10.17
C THR A 86 -28.39 -10.72 -9.08
N ARG A 87 -27.08 -10.57 -8.91
CA ARG A 87 -26.51 -9.67 -7.91
C ARG A 87 -27.01 -8.24 -8.16
N VAL A 88 -27.12 -7.44 -7.10
CA VAL A 88 -27.57 -6.07 -7.25
C VAL A 88 -26.40 -5.16 -7.64
N LEU A 89 -26.60 -4.36 -8.68
CA LEU A 89 -25.57 -3.43 -9.16
C LEU A 89 -25.51 -2.21 -8.26
N ARG A 90 -24.29 -1.83 -7.87
N ARG A 90 -24.30 -1.83 -7.86
CA ARG A 90 -24.10 -0.68 -6.98
CA ARG A 90 -24.10 -0.68 -6.98
C ARG A 90 -23.35 0.47 -7.65
C ARG A 90 -23.32 0.46 -7.62
N VAL A 91 -22.40 0.12 -8.50
CA VAL A 91 -21.58 1.12 -9.19
C VAL A 91 -21.25 0.70 -10.62
N LYS A 92 -21.35 1.65 -11.55
CA LYS A 92 -20.99 1.40 -12.93
C LYS A 92 -20.09 2.51 -13.42
N LEU A 93 -18.86 2.16 -13.76
CA LEU A 93 -17.89 3.11 -14.29
C LEU A 93 -17.62 2.65 -15.72
N GLN A 94 -18.12 3.43 -16.68
CA GLN A 94 -18.02 3.09 -18.10
C GLN A 94 -17.10 3.94 -18.97
N THR A 95 -16.31 3.27 -19.80
CA THR A 95 -15.42 3.95 -20.74
C THR A 95 -15.86 3.50 -22.14
N ALA A 96 -15.19 4.00 -23.19
CA ALA A 96 -15.56 3.63 -24.56
C ALA A 96 -15.61 2.13 -24.83
N ASP A 97 -14.60 1.40 -24.36
CA ASP A 97 -14.57 -0.04 -24.60
C ASP A 97 -14.82 -0.91 -23.38
N LYS A 98 -14.21 -0.55 -22.24
CA LYS A 98 -14.38 -1.33 -21.03
C LYS A 98 -15.27 -0.66 -19.98
N THR A 99 -16.01 -1.48 -19.22
CA THR A 99 -16.89 -1.03 -18.16
C THR A 99 -16.67 -1.93 -16.94
N ILE A 100 -16.54 -1.33 -15.75
CA ILE A 100 -16.38 -2.11 -14.53
C ILE A 100 -17.63 -1.93 -13.69
N LEU A 101 -18.10 -3.02 -13.11
CA LEU A 101 -19.31 -3.00 -12.32
C LEU A 101 -19.09 -3.57 -10.92
N LEU A 102 -19.63 -2.88 -9.92
CA LEU A 102 -19.52 -3.36 -8.54
C LEU A 102 -20.90 -3.85 -8.13
N TYR A 103 -20.96 -5.13 -7.75
CA TYR A 103 -22.21 -5.75 -7.33
C TYR A 103 -22.19 -6.06 -5.84
N SER A 104 -23.38 -6.04 -5.26
CA SER A 104 -23.59 -6.41 -3.86
C SER A 104 -22.98 -5.62 -2.71
N ALA A 105 -21.78 -5.06 -2.91
CA ALA A 105 -21.13 -4.32 -1.82
C ALA A 105 -22.02 -3.23 -1.20
N SER A 106 -21.85 -2.99 0.10
CA SER A 106 -22.63 -1.97 0.81
C SER A 106 -21.74 -0.82 1.28
N ASP A 107 -20.49 -1.12 1.60
CA ASP A 107 -19.54 -0.10 2.05
C ASP A 107 -18.99 0.64 0.84
N ILE A 108 -19.70 1.68 0.42
CA ILE A 108 -19.30 2.47 -0.72
C ILE A 108 -19.47 3.95 -0.40
N GLU A 109 -18.40 4.73 -0.53
CA GLU A 109 -18.51 6.16 -0.28
C GLU A 109 -17.55 6.97 -1.12
N MET A 110 -17.93 8.21 -1.40
CA MET A 110 -17.09 9.08 -2.19
C MET A 110 -16.36 9.99 -1.23
N LEU A 111 -15.04 10.02 -1.33
CA LEU A 111 -14.21 10.82 -0.43
C LEU A 111 -13.39 11.91 -1.09
N ARG A 112 -13.31 13.05 -0.42
CA ARG A 112 -12.48 14.16 -0.90
C ARG A 112 -11.11 13.83 -0.29
N PRO A 113 -10.03 14.45 -0.80
CA PRO A 113 -8.70 14.18 -0.27
C PRO A 113 -8.56 14.30 1.24
N GLU A 114 -9.19 15.32 1.82
CA GLU A 114 -9.10 15.53 3.27
C GLU A 114 -9.88 14.51 4.09
N GLN A 115 -10.80 13.79 3.47
CA GLN A 115 -11.60 12.80 4.17
C GLN A 115 -10.87 11.46 4.25
N LEU A 116 -9.86 11.28 3.43
CA LEU A 116 -9.09 10.05 3.43
C LEU A 116 -8.38 9.87 4.77
N THR A 117 -7.80 10.96 5.26
CA THR A 117 -7.06 10.95 6.52
C THR A 117 -7.93 10.68 7.76
N THR A 118 -9.20 11.04 7.70
CA THR A 118 -10.12 10.86 8.83
C THR A 118 -11.04 9.65 8.74
N HIS A 119 -10.94 8.86 7.68
CA HIS A 119 -11.79 7.69 7.53
C HIS A 119 -11.34 6.59 8.51
N PRO A 120 -12.27 6.11 9.37
CA PRO A 120 -12.03 5.06 10.37
C PRO A 120 -11.22 3.87 9.87
N PHE A 121 -11.69 3.26 8.79
CA PHE A 121 -10.98 2.11 8.25
C PHE A 121 -9.61 2.50 7.72
N LEU A 122 -9.54 3.55 6.91
CA LEU A 122 -8.28 3.97 6.32
C LEU A 122 -7.21 4.34 7.33
N GLN A 123 -7.62 4.86 8.48
CA GLN A 123 -6.66 5.23 9.53
C GLN A 123 -6.00 3.97 10.08
N ARG A 124 -6.74 2.87 10.06
CA ARG A 124 -6.22 1.64 10.60
C ARG A 124 -5.24 0.86 9.71
N VAL A 125 -5.38 0.97 8.41
N VAL A 125 -5.38 0.99 8.41
CA VAL A 125 -4.48 0.28 7.49
CA VAL A 125 -4.51 0.29 7.47
C VAL A 125 -3.96 1.18 6.37
C VAL A 125 -3.97 1.22 6.38
N GLY A 126 -2.66 1.42 6.37
CA GLY A 126 -2.05 2.27 5.37
C GLY A 126 -1.79 1.56 4.07
N PRO A 127 -1.22 2.23 3.05
N PRO A 127 -1.21 2.22 3.06
CA PRO A 127 -0.94 1.62 1.76
CA PRO A 127 -0.92 1.63 1.76
C PRO A 127 0.09 0.50 1.88
C PRO A 127 0.08 0.48 1.89
N ASP A 128 0.07 -0.43 0.93
CA ASP A 128 0.99 -1.57 0.95
C ASP A 128 2.28 -1.22 0.22
N VAL A 129 3.41 -1.62 0.79
CA VAL A 129 4.71 -1.34 0.20
C VAL A 129 4.94 -2.04 -1.13
N LEU A 130 4.17 -3.08 -1.42
N LEU A 130 4.17 -3.09 -1.41
CA LEU A 130 4.33 -3.81 -2.67
CA LEU A 130 4.32 -3.81 -2.68
C LEU A 130 3.42 -3.24 -3.77
C LEU A 130 3.44 -3.23 -3.78
N ASP A 131 2.61 -2.25 -3.41
CA ASP A 131 1.72 -1.62 -4.38
C ASP A 131 2.57 -0.74 -5.30
N PRO A 132 2.57 -1.04 -6.61
CA PRO A 132 3.35 -0.28 -7.60
C PRO A 132 3.02 1.21 -7.61
N ASN A 133 1.80 1.55 -7.23
CA ASN A 133 1.36 2.95 -7.19
C ASN A 133 2.00 3.72 -6.05
N LEU A 134 2.29 3.03 -4.95
CA LEU A 134 2.91 3.68 -3.82
C LEU A 134 4.30 4.14 -4.24
N THR A 135 4.55 5.44 -4.14
CA THR A 135 5.82 6.01 -4.52
C THR A 135 6.54 6.57 -3.32
N PRO A 136 7.87 6.76 -3.42
CA PRO A 136 8.69 7.30 -2.33
C PRO A 136 8.16 8.67 -1.90
N GLU A 137 7.65 9.43 -2.86
CA GLU A 137 7.11 10.76 -2.56
C GLU A 137 5.90 10.65 -1.63
N VAL A 138 5.07 9.64 -1.86
CA VAL A 138 3.90 9.43 -1.01
C VAL A 138 4.38 9.00 0.38
N VAL A 139 5.39 8.13 0.42
CA VAL A 139 5.94 7.66 1.68
C VAL A 139 6.48 8.81 2.53
N LYS A 140 7.24 9.71 1.91
CA LYS A 140 7.80 10.84 2.64
C LYS A 140 6.68 11.71 3.22
N GLU A 141 5.57 11.80 2.49
CA GLU A 141 4.43 12.58 2.94
C GLU A 141 3.82 11.96 4.21
N ARG A 142 3.62 10.65 4.20
CA ARG A 142 3.08 9.97 5.38
C ARG A 142 4.04 10.10 6.55
N LEU A 143 5.34 9.96 6.28
CA LEU A 143 6.35 10.08 7.32
C LEU A 143 6.30 11.46 7.97
N LEU A 144 6.08 12.49 7.14
CA LEU A 144 6.01 13.85 7.64
C LEU A 144 4.62 14.26 8.14
N SER A 145 3.59 13.53 7.75
CA SER A 145 2.24 13.87 8.19
C SER A 145 2.26 14.01 9.72
N PRO A 146 1.51 14.99 10.25
N PRO A 146 1.50 14.97 10.25
CA PRO A 146 1.45 15.22 11.70
CA PRO A 146 1.44 15.21 11.70
C PRO A 146 1.16 13.94 12.49
C PRO A 146 1.15 13.94 12.50
N ARG A 147 0.46 13.00 11.86
CA ARG A 147 0.11 11.74 12.48
C ARG A 147 1.25 10.76 12.74
N PHE A 148 2.30 10.82 11.91
CA PHE A 148 3.43 9.91 12.07
C PHE A 148 4.78 10.56 12.36
N ARG A 149 4.96 11.78 11.87
CA ARG A 149 6.22 12.50 12.05
C ARG A 149 6.88 12.42 13.43
N ASN A 150 6.11 12.08 14.45
CA ASN A 150 6.67 12.02 15.79
C ASN A 150 6.68 10.62 16.42
N ARG A 151 6.62 9.60 15.59
CA ARG A 151 6.62 8.21 16.07
C ARG A 151 8.01 7.60 15.89
N GLN A 152 8.48 6.85 16.88
CA GLN A 152 9.77 6.21 16.77
C GLN A 152 9.69 5.10 15.72
N PHE A 153 10.73 4.97 14.90
CA PHE A 153 10.74 3.98 13.83
C PHE A 153 10.62 2.54 14.30
N ALA A 154 11.13 2.23 15.50
CA ALA A 154 11.05 0.86 16.02
C ALA A 154 9.61 0.36 16.02
N GLY A 155 8.69 1.20 16.46
CA GLY A 155 7.29 0.80 16.49
C GLY A 155 6.55 1.12 15.20
N LEU A 156 6.87 2.27 14.59
CA LEU A 156 6.23 2.68 13.36
C LEU A 156 6.37 1.65 12.24
N LEU A 157 7.56 1.07 12.13
CA LEU A 157 7.81 0.09 11.09
C LEU A 157 7.15 -1.26 11.34
N LEU A 158 6.42 -1.37 12.45
CA LEU A 158 5.71 -2.61 12.75
C LEU A 158 4.21 -2.32 12.78
N ASP A 159 3.85 -1.06 12.51
CA ASP A 159 2.46 -0.64 12.53
C ASP A 159 1.85 -0.54 11.14
N GLN A 160 0.89 -1.42 10.87
CA GLN A 160 0.19 -1.48 9.59
C GLN A 160 -0.53 -0.18 9.25
N ALA A 161 -0.78 0.66 10.25
CA ALA A 161 -1.46 1.92 10.00
C ALA A 161 -0.59 2.82 9.13
N PHE A 162 0.73 2.72 9.33
CA PHE A 162 1.67 3.52 8.57
C PHE A 162 1.79 2.93 7.16
N LEU A 163 2.31 1.71 7.10
CA LEU A 163 2.49 1.03 5.82
C LEU A 163 2.23 -0.45 6.04
N ALA A 164 1.52 -1.07 5.11
CA ALA A 164 1.22 -2.49 5.19
C ALA A 164 2.29 -3.22 4.39
N GLY A 165 2.54 -4.47 4.74
CA GLY A 165 3.53 -5.25 4.02
C GLY A 165 4.87 -5.25 4.72
N LEU A 166 4.96 -4.64 5.89
CA LEU A 166 6.23 -4.64 6.61
C LEU A 166 6.20 -5.71 7.69
N GLY A 167 7.40 -6.12 8.12
CA GLY A 167 7.52 -7.13 9.15
C GLY A 167 8.85 -6.87 9.83
N ASN A 168 9.05 -7.46 11.00
CA ASN A 168 10.29 -7.26 11.72
C ASN A 168 11.51 -7.47 10.83
N TYR A 169 11.55 -8.60 10.12
CA TYR A 169 12.70 -8.89 9.27
C TYR A 169 13.00 -7.77 8.27
N LEU A 170 11.97 -7.12 7.76
CA LEU A 170 12.18 -6.02 6.81
C LEU A 170 12.57 -4.75 7.58
N ARG A 171 11.90 -4.53 8.70
CA ARG A 171 12.18 -3.35 9.52
C ARG A 171 13.66 -3.18 9.86
N VAL A 172 14.30 -4.24 10.33
CA VAL A 172 15.71 -4.14 10.71
C VAL A 172 16.64 -3.91 9.53
N GLU A 173 16.32 -4.48 8.38
CA GLU A 173 17.16 -4.30 7.21
C GLU A 173 17.06 -2.88 6.70
N ILE A 174 15.84 -2.34 6.72
CA ILE A 174 15.59 -0.98 6.26
C ILE A 174 16.37 0.06 7.07
N LEU A 175 16.33 -0.08 8.39
CA LEU A 175 17.02 0.87 9.26
C LEU A 175 18.53 0.76 9.14
N TRP A 176 19.04 -0.46 8.94
CA TRP A 176 20.47 -0.66 8.78
C TRP A 176 20.92 0.02 7.50
N GLN A 177 20.10 -0.08 6.45
CA GLN A 177 20.42 0.54 5.18
C GLN A 177 20.65 2.05 5.26
N VAL A 178 19.92 2.74 6.14
CA VAL A 178 20.10 4.19 6.26
C VAL A 178 20.90 4.60 7.49
N GLY A 179 21.45 3.62 8.20
CA GLY A 179 22.25 3.88 9.38
C GLY A 179 21.53 4.44 10.59
N LEU A 180 20.26 4.08 10.75
CA LEU A 180 19.48 4.59 11.87
C LEU A 180 19.07 3.56 12.90
N THR A 181 19.00 4.01 14.15
CA THR A 181 18.55 3.16 15.25
C THR A 181 17.05 3.39 15.35
N GLY A 182 16.33 2.48 16.02
CA GLY A 182 14.89 2.58 16.13
C GLY A 182 14.28 3.72 16.95
N ASN A 183 15.11 4.52 17.60
CA ASN A 183 14.60 5.62 18.42
C ASN A 183 14.36 6.92 17.65
N HIS A 184 14.80 7.00 16.41
CA HIS A 184 14.58 8.20 15.62
C HIS A 184 13.12 8.40 15.16
N LYS A 185 12.81 9.63 14.78
CA LYS A 185 11.48 10.02 14.30
C LYS A 185 11.68 10.78 13.01
N ALA A 186 10.70 10.73 12.11
CA ALA A 186 10.79 11.42 10.83
C ALA A 186 11.00 12.92 10.94
N LYS A 187 10.55 13.50 12.05
CA LYS A 187 10.69 14.95 12.26
C LYS A 187 12.12 15.39 12.52
N ASP A 188 12.95 14.48 13.01
N ASP A 188 12.97 14.49 13.01
CA ASP A 188 14.35 14.81 13.31
CA ASP A 188 14.36 14.86 13.29
C ASP A 188 15.33 14.53 12.17
C ASP A 188 15.32 14.58 12.15
N LEU A 189 14.82 14.05 11.07
CA LEU A 189 15.69 13.72 9.93
C LEU A 189 15.80 14.90 8.97
N ASN A 190 16.91 14.96 8.22
CA ASN A 190 17.10 16.01 7.23
C ASN A 190 16.53 15.48 5.92
N ALA A 191 16.34 16.37 4.94
CA ALA A 191 15.77 15.97 3.67
C ALA A 191 16.46 14.76 3.04
N ALA A 192 17.79 14.71 3.13
CA ALA A 192 18.52 13.59 2.54
C ALA A 192 18.17 12.26 3.21
N GLN A 193 18.19 12.24 4.53
CA GLN A 193 17.88 11.03 5.28
C GLN A 193 16.44 10.57 5.00
N LEU A 194 15.52 11.51 5.04
CA LEU A 194 14.11 11.21 4.80
C LEU A 194 13.91 10.54 3.45
N ASP A 195 14.48 11.12 2.40
CA ASP A 195 14.37 10.55 1.05
C ASP A 195 15.00 9.15 1.04
N ALA A 196 16.16 9.02 1.66
CA ALA A 196 16.88 7.74 1.73
C ALA A 196 16.00 6.68 2.38
N LEU A 197 15.39 7.04 3.52
CA LEU A 197 14.52 6.12 4.24
C LEU A 197 13.25 5.79 3.43
N ALA A 198 12.72 6.78 2.72
CA ALA A 198 11.52 6.57 1.93
C ALA A 198 11.75 5.56 0.81
N HIS A 199 12.92 5.60 0.18
CA HIS A 199 13.22 4.65 -0.90
C HIS A 199 13.46 3.26 -0.33
N ALA A 200 14.12 3.19 0.82
CA ALA A 200 14.42 1.91 1.46
C ALA A 200 13.15 1.17 1.88
N LEU A 201 12.17 1.92 2.36
CA LEU A 201 10.89 1.35 2.80
C LEU A 201 10.19 0.58 1.67
N LEU A 202 10.49 0.95 0.42
CA LEU A 202 9.88 0.29 -0.73
C LEU A 202 10.82 -0.69 -1.44
N GLU A 203 12.05 -0.25 -1.70
CA GLU A 203 13.02 -1.08 -2.40
C GLU A 203 13.34 -2.39 -1.72
N ILE A 204 13.58 -2.33 -0.41
CA ILE A 204 13.92 -3.54 0.32
C ILE A 204 12.78 -4.56 0.36
N PRO A 205 11.55 -4.13 0.66
CA PRO A 205 10.43 -5.09 0.70
C PRO A 205 10.19 -5.72 -0.68
N ARG A 206 10.24 -4.90 -1.72
CA ARG A 206 10.03 -5.37 -3.08
C ARG A 206 11.16 -6.27 -3.57
N PHE A 207 12.39 -5.97 -3.15
CA PHE A 207 13.55 -6.77 -3.54
C PHE A 207 13.45 -8.13 -2.89
N SER A 208 13.06 -8.16 -1.63
CA SER A 208 12.91 -9.42 -0.91
C SER A 208 11.81 -10.28 -1.50
N TYR A 209 10.67 -9.67 -1.79
CA TYR A 209 9.53 -10.38 -2.34
C TYR A 209 9.79 -10.95 -3.73
N ALA A 210 10.32 -10.11 -4.61
CA ALA A 210 10.59 -10.52 -5.98
C ALA A 210 11.64 -11.61 -6.16
N THR A 211 12.57 -11.73 -5.22
CA THR A 211 13.62 -12.74 -5.37
C THR A 211 13.58 -13.97 -4.48
N ARG A 212 12.51 -14.13 -3.62
N ARG A 212 12.49 -14.14 -3.65
CA ARG A 212 12.41 -15.31 -2.77
CA ARG A 212 12.38 -15.30 -2.78
C ARG A 212 12.19 -16.56 -3.61
C ARG A 212 12.21 -16.56 -3.63
N GLY A 213 13.01 -17.58 -3.34
CA GLY A 213 12.87 -18.82 -4.08
C GLY A 213 11.89 -19.77 -3.43
N GLN A 214 11.76 -20.97 -3.98
CA GLN A 214 10.84 -21.95 -3.45
C GLN A 214 11.32 -22.45 -2.10
N VAL A 215 10.53 -23.31 -1.46
CA VAL A 215 10.87 -23.85 -0.15
C VAL A 215 12.06 -24.81 -0.19
N ASP A 216 12.96 -24.64 0.77
CA ASP A 216 14.15 -25.48 0.89
C ASP A 216 15.18 -25.35 -0.24
N GLU A 217 15.00 -24.36 -1.10
CA GLU A 217 15.94 -24.14 -2.19
C GLU A 217 17.29 -23.73 -1.61
N ASN A 218 17.22 -23.01 -0.50
CA ASN A 218 18.40 -22.52 0.21
C ASN A 218 19.41 -23.61 0.53
N LYS A 219 18.99 -24.87 0.49
CA LYS A 219 19.88 -25.98 0.77
C LYS A 219 20.97 -26.15 -0.29
N HIS A 220 20.71 -25.67 -1.51
CA HIS A 220 21.70 -25.80 -2.57
C HIS A 220 21.95 -24.47 -3.28
N HIS A 221 21.18 -23.44 -2.93
CA HIS A 221 21.35 -22.15 -3.58
C HIS A 221 20.98 -20.98 -2.70
N GLY A 222 21.91 -20.05 -2.52
CA GLY A 222 21.65 -18.87 -1.72
C GLY A 222 20.88 -17.82 -2.49
N ALA A 223 19.94 -17.17 -1.80
CA ALA A 223 19.11 -16.14 -2.41
C ALA A 223 19.88 -14.89 -2.79
N LEU A 224 19.35 -14.14 -3.75
CA LEU A 224 20.00 -12.92 -4.20
C LEU A 224 19.94 -11.89 -3.08
N PHE A 225 18.86 -11.93 -2.31
CA PHE A 225 18.67 -11.02 -1.18
C PHE A 225 19.22 -11.67 0.09
N ARG A 226 20.24 -11.05 0.67
CA ARG A 226 20.84 -11.59 1.89
C ARG A 226 20.62 -10.62 3.05
N PHE A 227 20.25 -11.16 4.21
CA PHE A 227 20.01 -10.35 5.40
C PHE A 227 21.33 -9.76 5.92
N LYS A 228 21.28 -8.52 6.37
CA LYS A 228 22.48 -7.86 6.89
C LYS A 228 22.55 -7.88 8.41
N VAL A 229 21.41 -7.80 9.06
CA VAL A 229 21.38 -7.80 10.51
C VAL A 229 20.34 -8.76 11.10
N PHE A 230 19.29 -9.06 10.36
CA PHE A 230 18.27 -9.96 10.87
C PHE A 230 18.89 -11.33 11.11
N HIS A 231 18.71 -11.84 12.32
CA HIS A 231 19.26 -13.14 12.71
C HIS A 231 20.77 -13.25 12.56
N ARG A 232 21.45 -12.11 12.55
CA ARG A 232 22.90 -12.11 12.42
C ARG A 232 23.58 -11.60 13.69
N ASP A 233 22.82 -11.55 14.78
CA ASP A 233 23.36 -11.09 16.06
C ASP A 233 24.55 -11.98 16.41
N GLY A 234 25.69 -11.35 16.73
CA GLY A 234 26.87 -12.10 17.06
C GLY A 234 27.82 -12.17 15.88
N GLU A 235 27.35 -11.72 14.71
CA GLU A 235 28.15 -11.70 13.50
C GLU A 235 28.59 -10.26 13.26
N PRO A 236 29.68 -10.06 12.52
CA PRO A 236 30.16 -8.70 12.26
C PRO A 236 29.41 -8.02 11.14
N CYS A 237 29.21 -6.71 11.29
CA CYS A 237 28.54 -5.89 10.30
C CYS A 237 29.40 -5.91 9.03
N GLU A 238 28.78 -6.10 7.87
CA GLU A 238 29.54 -6.15 6.62
C GLU A 238 30.14 -4.80 6.24
N ARG A 239 29.65 -3.74 6.87
CA ARG A 239 30.11 -2.40 6.62
C ARG A 239 31.27 -1.93 7.52
N CYS A 240 31.08 -1.99 8.84
CA CYS A 240 32.11 -1.54 9.78
C CYS A 240 32.78 -2.63 10.60
N GLY A 241 32.28 -3.86 10.51
CA GLY A 241 32.88 -4.95 11.24
C GLY A 241 32.44 -5.12 12.69
N SER A 242 31.62 -4.19 13.19
CA SER A 242 31.15 -4.28 14.57
C SER A 242 30.22 -5.49 14.71
N ILE A 243 30.10 -6.01 15.93
CA ILE A 243 29.25 -7.17 16.17
C ILE A 243 27.78 -6.79 16.27
N ILE A 244 26.98 -7.37 15.38
N ILE A 244 26.98 -7.38 15.40
CA ILE A 244 25.55 -7.08 15.36
CA ILE A 244 25.55 -7.11 15.36
C ILE A 244 24.89 -7.48 16.67
C ILE A 244 24.89 -7.48 16.68
N GLU A 245 24.02 -6.60 17.18
CA GLU A 245 23.33 -6.85 18.44
C GLU A 245 21.83 -7.08 18.29
N LYS A 246 21.29 -7.82 19.25
CA LYS A 246 19.88 -8.15 19.30
C LYS A 246 19.38 -7.73 20.67
N THR A 247 18.15 -7.23 20.74
CA THR A 247 17.60 -6.82 22.01
C THR A 247 17.06 -8.04 22.75
N THR A 248 16.64 -7.86 24.00
CA THR A 248 16.12 -8.97 24.79
C THR A 248 14.70 -8.70 25.28
N LEU A 249 14.43 -7.43 25.57
CA LEU A 249 13.10 -7.02 26.04
C LEU A 249 12.10 -7.08 24.89
N PRO A 253 12.26 -9.11 18.14
N PRO A 253 12.26 -9.11 18.14
CA PRO A 253 13.62 -8.65 18.45
CA PRO A 253 13.63 -8.67 18.44
C PRO A 253 14.19 -7.68 17.42
C PRO A 253 14.19 -7.68 17.42
N PHE A 254 14.70 -6.42 17.95
CA PHE A 254 15.41 -5.48 17.09
C PHE A 254 16.86 -5.90 16.86
N TYR A 255 17.26 -6.02 15.60
CA TYR A 255 18.64 -6.39 15.25
C TYR A 255 19.28 -5.17 14.62
N TRP A 256 20.51 -4.85 15.02
CA TRP A 256 21.18 -3.69 14.46
C TRP A 256 22.68 -3.70 14.75
N CYS A 257 23.43 -2.90 13.99
CA CYS A 257 24.87 -2.78 14.21
C CYS A 257 25.08 -1.52 15.06
N PRO A 258 25.52 -1.68 16.31
CA PRO A 258 25.74 -0.53 17.20
C PRO A 258 26.95 0.28 16.72
N GLY A 259 27.71 -0.32 15.80
CA GLY A 259 28.87 0.33 15.26
C GLY A 259 28.58 1.42 14.24
N CYS A 260 27.69 1.16 13.27
CA CYS A 260 27.40 2.18 12.27
C CYS A 260 25.94 2.64 12.15
N GLN A 261 25.12 2.32 13.15
CA GLN A 261 23.72 2.76 13.18
C GLN A 261 23.55 3.62 14.44
N HIS A 262 22.95 4.80 14.30
CA HIS A 262 22.71 5.69 15.45
C HIS A 262 21.72 6.81 15.07
ZN ZN B . 28.13 -1.51 11.15
MG MG C . 21.07 9.43 14.76
MG MG D . 18.92 -24.85 -8.12
C1 GOL E . -8.64 -7.72 -16.22
O1 GOL E . -9.10 -6.41 -16.51
C2 GOL E . -9.86 -8.70 -16.07
O2 GOL E . -10.63 -8.82 -17.26
C3 GOL E . -10.82 -8.27 -14.91
O3 GOL E . -11.07 -9.29 -13.96
#